data_4XZK
#
_entry.id   4XZK
#
_cell.length_a   47.840
_cell.length_b   52.090
_cell.length_c   102.870
_cell.angle_alpha   90.000
_cell.angle_beta   90.000
_cell.angle_gamma   90.000
#
_symmetry.space_group_name_H-M   'P 21 21 21'
#
loop_
_entity.id
_entity.type
_entity.pdbx_description
1 polymer 'Putative NAD(+)--arginine ADP-ribosyltransferase Vis'
2 non-polymer AGMATINE
3 water water
#
_entity_poly.entity_id   1
_entity_poly.type   'polypeptide(L)'
_entity_poly.pdbx_seq_one_letter_code
;MHHHHHHSSGRENLYFQGPFDAIKQPNRSEEEVTQLAEDFKDWSKASNGWRYSFITANEKEAVEDFSISGYQTANDYLRA
TDTSTWGVAGADARQYIRTVKSALNKLPKYKGTAYRGTWVKLSLLNKLEEGDVLVEPAFTSTSTLPEVAKRFSVVHPNSP
QRLKRVLFEVKINQGGHTIAGLSEYSKEAEVLFAPNAHFRITQIERTSNHTYIGVETVKASAVKNTQKYNLYSGEEVEA
;
_entity_poly.pdbx_strand_id   A
#
loop_
_chem_comp.id
_chem_comp.type
_chem_comp.name
_chem_comp.formula
AG2 non-polymer AGMATINE 'C5 H14 N4'
#
# COMPACT_ATOMS: atom_id res chain seq x y z
N PHE A 20 -2.39 3.03 -18.77
CA PHE A 20 -1.60 3.48 -17.57
C PHE A 20 -0.98 4.92 -17.79
N ASP A 21 -1.59 5.70 -18.65
CA ASP A 21 -0.96 7.00 -18.99
C ASP A 21 -0.98 7.99 -17.80
N ALA A 22 -1.88 7.79 -16.85
CA ALA A 22 -1.88 8.60 -15.61
C ALA A 22 -0.55 8.47 -14.90
N ILE A 23 0.10 7.32 -15.04
CA ILE A 23 1.39 7.08 -14.42
C ILE A 23 2.56 7.51 -15.32
N LYS A 24 2.44 7.18 -16.57
CA LYS A 24 3.57 7.37 -17.49
C LYS A 24 3.85 8.85 -17.79
N GLN A 25 2.78 9.64 -17.89
CA GLN A 25 2.89 11.04 -18.30
C GLN A 25 3.67 11.88 -17.32
N PRO A 26 4.09 13.08 -17.75
CA PRO A 26 4.95 13.88 -16.90
C PRO A 26 4.23 14.31 -15.65
N ASN A 27 4.98 14.47 -14.58
CA ASN A 27 4.42 15.02 -13.37
C ASN A 27 3.83 16.43 -13.52
N ARG A 28 2.78 16.67 -12.75
CA ARG A 28 2.26 18.00 -12.61
C ARG A 28 3.23 18.86 -11.74
N SER A 29 3.03 20.18 -11.76
CA SER A 29 3.94 21.12 -11.04
C SER A 29 3.75 20.93 -9.57
N GLU A 30 4.79 21.32 -8.82
CA GLU A 30 4.80 21.27 -7.36
C GLU A 30 3.54 21.96 -6.85
N GLU A 31 3.23 23.09 -7.48
CA GLU A 31 2.11 23.90 -7.02
C GLU A 31 0.80 23.12 -7.11
N GLU A 32 0.56 22.52 -8.26
CA GLU A 32 -0.65 21.80 -8.48
C GLU A 32 -0.75 20.50 -7.64
N VAL A 33 0.35 19.79 -7.54
CA VAL A 33 0.40 18.62 -6.68
C VAL A 33 0.24 18.99 -5.17
N THR A 34 0.93 20.03 -4.72
CA THR A 34 0.76 20.48 -3.34
C THR A 34 -0.69 20.89 -3.09
N GLN A 35 -1.30 21.56 -4.07
CA GLN A 35 -2.69 22.00 -3.93
C GLN A 35 -3.64 20.80 -3.79
N LEU A 36 -3.51 19.83 -4.71
CA LEU A 36 -4.32 18.62 -4.65
C LEU A 36 -4.12 17.84 -3.36
N ALA A 37 -2.91 17.78 -2.83
CA ALA A 37 -2.67 17.06 -1.60
C ALA A 37 -3.39 17.79 -0.45
N GLU A 38 -3.37 19.14 -0.48
CA GLU A 38 -3.98 19.95 0.57
C GLU A 38 -5.48 19.81 0.53
N ASP A 39 -6.06 19.78 -0.66
CA ASP A 39 -7.45 19.55 -0.83
C ASP A 39 -7.89 18.15 -0.34
N PHE A 40 -7.03 17.15 -0.52
CA PHE A 40 -7.36 15.82 -0.11
C PHE A 40 -7.31 15.75 1.42
N LYS A 41 -6.30 16.38 2.04
CA LYS A 41 -6.18 16.47 3.48
C LYS A 41 -7.44 17.10 4.08
N ASP A 42 -7.90 18.18 3.46
CA ASP A 42 -9.13 18.90 3.86
C ASP A 42 -10.40 18.08 3.72
N TRP A 43 -10.57 17.45 2.56
CA TRP A 43 -11.66 16.49 2.34
C TRP A 43 -11.67 15.36 3.41
N SER A 44 -10.47 14.87 3.71
CA SER A 44 -10.26 13.81 4.70
C SER A 44 -10.79 14.26 6.04
N LYS A 45 -10.34 15.42 6.50
CA LYS A 45 -10.71 15.91 7.83
C LYS A 45 -12.20 16.18 7.88
N ALA A 46 -12.72 16.73 6.80
CA ALA A 46 -14.12 17.08 6.69
C ALA A 46 -15.04 15.86 6.68
N SER A 47 -14.53 14.72 6.23
CA SER A 47 -15.27 13.48 6.11
C SER A 47 -15.26 12.64 7.37
N ASN A 48 -14.52 13.04 8.41
CA ASN A 48 -14.56 12.28 9.69
C ASN A 48 -15.98 12.05 10.18
N TYR A 52 -15.08 8.46 14.12
CA TYR A 52 -13.94 9.31 14.41
C TYR A 52 -13.90 9.76 15.87
N SER A 53 -15.04 10.16 16.42
CA SER A 53 -15.08 10.59 17.82
C SER A 53 -14.46 9.52 18.77
N PHE A 54 -14.48 8.24 18.37
CA PHE A 54 -13.89 7.16 19.15
C PHE A 54 -12.36 7.05 19.04
N ILE A 55 -11.69 7.93 18.28
CA ILE A 55 -10.25 7.78 18.05
C ILE A 55 -9.41 8.30 19.23
N THR A 56 -8.44 7.52 19.70
CA THR A 56 -7.66 7.85 20.91
C THR A 56 -6.46 8.71 20.56
N ALA A 57 -5.84 9.29 21.57
CA ALA A 57 -4.65 10.12 21.34
C ALA A 57 -3.50 9.23 20.86
N ASN A 58 -3.37 8.06 21.46
CA ASN A 58 -2.36 7.08 21.07
C ASN A 58 -2.58 6.65 19.63
N GLU A 59 -3.84 6.43 19.24
CA GLU A 59 -4.15 6.10 17.84
C GLU A 59 -3.80 7.21 16.87
N LYS A 60 -4.15 8.48 17.16
CA LYS A 60 -3.78 9.58 16.23
C LYS A 60 -2.26 9.68 16.10
N GLU A 61 -1.58 9.45 17.22
CA GLU A 61 -0.13 9.62 17.26
C GLU A 61 0.57 8.48 16.51
N ALA A 62 0.06 7.27 16.64
CA ALA A 62 0.60 6.13 15.90
C ALA A 62 0.51 6.37 14.38
N VAL A 63 -0.64 6.88 13.92
CA VAL A 63 -0.84 7.11 12.49
C VAL A 63 0.07 8.22 11.95
N GLU A 64 0.28 9.30 12.71
CA GLU A 64 1.21 10.36 12.29
C GLU A 64 2.61 9.82 12.13
N ASP A 65 3.03 9.00 13.09
CA ASP A 65 4.33 8.39 13.06
C ASP A 65 4.46 7.39 11.93
N PHE A 66 3.35 6.73 11.61
CA PHE A 66 3.35 5.69 10.61
C PHE A 66 3.92 6.11 9.27
N SER A 67 3.40 7.21 8.77
CA SER A 67 3.74 7.68 7.45
C SER A 67 5.21 8.07 7.28
N ILE A 68 5.81 8.58 8.35
N ILE A 68 5.82 8.58 8.35
CA ILE A 68 7.22 9.03 8.34
CA ILE A 68 7.23 9.01 8.32
C ILE A 68 8.22 7.91 8.55
C ILE A 68 8.23 7.89 8.54
N SER A 69 8.08 7.17 9.65
CA SER A 69 9.02 6.10 9.97
C SER A 69 8.38 4.83 10.45
N GLY A 70 7.23 4.90 11.11
CA GLY A 70 6.70 3.70 11.74
C GLY A 70 6.43 2.55 10.76
N TYR A 71 6.04 2.90 9.52
CA TYR A 71 5.72 1.89 8.52
C TYR A 71 6.94 1.02 8.25
N GLN A 72 8.15 1.58 8.40
CA GLN A 72 9.36 0.82 8.13
C GLN A 72 9.50 -0.39 9.06
N THR A 73 9.29 -0.16 10.36
CA THR A 73 9.39 -1.24 11.35
C THR A 73 8.18 -2.18 11.26
N ALA A 74 6.98 -1.63 11.19
CA ALA A 74 5.74 -2.45 11.12
C ALA A 74 5.79 -3.37 9.90
N ASN A 75 6.14 -2.82 8.75
CA ASN A 75 6.13 -3.61 7.52
C ASN A 75 7.22 -4.66 7.50
N ASP A 76 8.37 -4.37 8.08
CA ASP A 76 9.42 -5.38 8.22
C ASP A 76 8.91 -6.51 9.10
N TYR A 77 8.21 -6.18 10.17
CA TYR A 77 7.73 -7.20 11.11
C TYR A 77 6.72 -8.12 10.38
N LEU A 78 5.84 -7.46 9.63
CA LEU A 78 4.76 -8.18 8.93
C LEU A 78 5.32 -9.08 7.85
N ARG A 79 6.42 -8.70 7.23
CA ARG A 79 7.08 -9.47 6.17
C ARG A 79 8.08 -10.51 6.68
N ALA A 80 8.41 -10.47 7.97
CA ALA A 80 9.53 -11.28 8.48
C ALA A 80 9.24 -12.76 8.45
N THR A 81 10.23 -13.55 8.05
CA THR A 81 10.08 -15.01 8.08
C THR A 81 10.07 -15.50 9.51
N ASP A 82 10.84 -14.83 10.36
CA ASP A 82 11.06 -15.26 11.71
C ASP A 82 11.09 -14.08 12.69
N THR A 83 9.99 -13.88 13.40
CA THR A 83 9.87 -12.80 14.39
C THR A 83 10.12 -13.26 15.82
N SER A 84 10.35 -14.56 16.02
CA SER A 84 10.82 -15.07 17.30
C SER A 84 12.17 -14.41 17.66
N THR A 85 12.94 -14.00 16.65
CA THR A 85 14.22 -13.31 16.86
C THR A 85 14.11 -11.83 17.29
N TRP A 86 12.93 -11.21 17.19
CA TRP A 86 12.86 -9.74 17.38
C TRP A 86 12.97 -9.22 18.81
N GLY A 87 12.48 -9.99 19.76
CA GLY A 87 12.65 -9.67 21.14
C GLY A 87 11.57 -8.79 21.69
N VAL A 88 11.99 -7.88 22.57
CA VAL A 88 11.10 -6.90 23.12
C VAL A 88 10.54 -6.09 21.96
N ALA A 89 11.37 -5.88 20.95
CA ALA A 89 10.92 -5.10 19.82
C ALA A 89 9.77 -5.77 19.09
N GLY A 90 9.63 -7.10 19.14
CA GLY A 90 8.46 -7.76 18.54
C GLY A 90 7.18 -7.37 19.23
N ALA A 91 7.19 -7.31 20.56
CA ALA A 91 6.00 -6.97 21.32
C ALA A 91 5.56 -5.57 21.03
N ASP A 92 6.55 -4.68 20.90
CA ASP A 92 6.24 -3.28 20.52
C ASP A 92 5.67 -3.22 19.14
N ALA A 93 6.24 -4.01 18.22
CA ALA A 93 5.72 -4.01 16.83
C ALA A 93 4.31 -4.52 16.75
N ARG A 94 3.99 -5.62 17.48
CA ARG A 94 2.60 -6.11 17.51
C ARG A 94 1.62 -5.07 18.03
N GLN A 95 2.01 -4.41 19.10
CA GLN A 95 1.16 -3.37 19.70
CA GLN A 95 1.19 -3.37 19.71
C GLN A 95 0.95 -2.20 18.75
N TYR A 96 2.02 -1.77 18.12
CA TYR A 96 1.94 -0.71 17.13
C TYR A 96 1.01 -1.03 15.96
N ILE A 97 1.18 -2.21 15.39
CA ILE A 97 0.30 -2.67 14.30
C ILE A 97 -1.17 -2.72 14.73
N ARG A 98 -1.45 -3.23 15.93
CA ARG A 98 -2.81 -3.36 16.42
C ARG A 98 -3.43 -1.94 16.56
N THR A 99 -2.62 -1.00 17.02
CA THR A 99 -3.06 0.36 17.27
C THR A 99 -3.33 1.08 15.95
N VAL A 100 -2.42 0.91 14.98
CA VAL A 100 -2.61 1.47 13.65
C VAL A 100 -3.88 0.86 12.97
N LYS A 101 -4.09 -0.45 13.04
CA LYS A 101 -5.28 -1.07 12.41
C LYS A 101 -6.57 -0.57 13.03
N SER A 102 -6.51 -0.41 14.35
CA SER A 102 -7.67 0.08 15.12
C SER A 102 -8.02 1.50 14.70
N ALA A 103 -6.99 2.33 14.54
CA ALA A 103 -7.18 3.71 14.15
C ALA A 103 -7.73 3.75 12.73
N LEU A 104 -7.18 2.93 11.85
CA LEU A 104 -7.65 2.96 10.44
C LEU A 104 -9.12 2.74 10.29
N ASN A 105 -9.63 1.78 11.05
CA ASN A 105 -11.04 1.50 10.99
C ASN A 105 -11.93 2.64 11.39
N LYS A 106 -11.40 3.62 12.11
CA LYS A 106 -12.14 4.80 12.53
C LYS A 106 -12.01 6.00 11.57
N LEU A 107 -11.15 5.90 10.56
CA LEU A 107 -10.90 6.99 9.61
C LEU A 107 -11.78 6.82 8.36
N PRO A 108 -12.00 7.91 7.61
CA PRO A 108 -12.87 7.90 6.45
C PRO A 108 -12.36 6.95 5.39
N LYS A 109 -13.26 6.24 4.74
CA LYS A 109 -12.93 5.39 3.64
C LYS A 109 -12.61 6.25 2.42
N TYR A 110 -11.72 5.79 1.55
CA TYR A 110 -11.55 6.35 0.21
C TYR A 110 -11.87 5.29 -0.82
N LYS A 111 -12.70 5.64 -1.82
CA LYS A 111 -12.92 4.80 -2.99
C LYS A 111 -12.70 5.60 -4.27
N GLY A 112 -12.06 5.01 -5.26
CA GLY A 112 -11.62 5.73 -6.47
C GLY A 112 -10.29 5.08 -6.83
N THR A 113 -9.41 5.81 -7.53
CA THR A 113 -8.16 5.25 -8.03
C THR A 113 -7.03 5.76 -7.15
N ALA A 114 -6.08 4.89 -6.86
CA ALA A 114 -4.86 5.30 -6.15
C ALA A 114 -3.65 4.60 -6.77
N TYR A 115 -2.45 4.96 -6.34
CA TYR A 115 -1.25 4.48 -6.97
C TYR A 115 -0.20 4.07 -5.98
N ARG A 116 0.64 3.12 -6.38
CA ARG A 116 1.74 2.62 -5.52
CA ARG A 116 1.72 2.64 -5.53
C ARG A 116 2.86 2.12 -6.40
N GLY A 117 4.09 2.55 -6.09
CA GLY A 117 5.33 2.07 -6.74
C GLY A 117 6.02 1.16 -5.72
N THR A 118 6.48 0.01 -6.17
CA THR A 118 7.20 -0.93 -5.32
C THR A 118 8.11 -1.85 -6.17
N TRP A 119 8.73 -2.81 -5.53
CA TRP A 119 9.63 -3.73 -6.17
C TRP A 119 9.14 -5.11 -5.97
N VAL A 120 9.18 -5.91 -7.05
CA VAL A 120 8.62 -7.25 -7.00
C VAL A 120 9.61 -8.17 -7.66
N LYS A 121 9.70 -9.39 -7.14
CA LYS A 121 10.53 -10.44 -7.73
C LYS A 121 10.14 -10.71 -9.16
N LEU A 122 11.15 -10.69 -10.04
CA LEU A 122 10.92 -11.01 -11.44
C LEU A 122 10.35 -12.41 -11.55
N SER A 123 10.76 -13.32 -10.68
CA SER A 123 10.19 -14.68 -10.72
C SER A 123 8.68 -14.73 -10.53
N LEU A 124 8.15 -13.84 -9.71
CA LEU A 124 6.69 -13.73 -9.55
C LEU A 124 6.08 -13.03 -10.74
N LEU A 125 6.68 -11.93 -11.14
CA LEU A 125 6.15 -11.14 -12.24
C LEU A 125 5.95 -11.98 -13.46
N ASN A 126 6.89 -12.86 -13.72
CA ASN A 126 6.80 -13.75 -14.88
C ASN A 126 5.60 -14.68 -14.87
N LYS A 127 5.01 -14.96 -13.71
CA LYS A 127 3.89 -15.90 -13.61
C LYS A 127 2.54 -15.20 -13.74
N LEU A 128 2.54 -13.87 -13.53
CA LEU A 128 1.27 -13.14 -13.31
C LEU A 128 0.39 -13.04 -14.56
N GLU A 129 -0.92 -13.25 -14.40
N GLU A 129 -0.92 -13.21 -14.36
CA GLU A 129 -1.91 -12.96 -15.45
CA GLU A 129 -1.94 -13.02 -15.39
C GLU A 129 -3.09 -12.22 -14.86
C GLU A 129 -3.11 -12.23 -14.84
N GLU A 130 -3.87 -11.58 -15.72
CA GLU A 130 -5.17 -11.02 -15.33
C GLU A 130 -6.02 -12.07 -14.59
N GLY A 131 -6.65 -11.67 -13.50
CA GLY A 131 -7.45 -12.50 -12.62
C GLY A 131 -6.74 -13.13 -11.43
N ASP A 132 -5.41 -13.18 -11.48
CA ASP A 132 -4.59 -13.58 -10.32
C ASP A 132 -4.81 -12.54 -9.20
N VAL A 133 -4.64 -12.97 -7.97
CA VAL A 133 -4.83 -12.12 -6.81
C VAL A 133 -3.48 -11.98 -6.11
N LEU A 134 -3.13 -10.75 -5.78
CA LEU A 134 -1.89 -10.46 -5.09
C LEU A 134 -2.24 -10.10 -3.64
N VAL A 135 -1.52 -10.68 -2.69
CA VAL A 135 -1.73 -10.50 -1.26
C VAL A 135 -0.50 -9.75 -0.67
N GLU A 136 -0.73 -8.53 -0.16
CA GLU A 136 0.33 -7.79 0.53
C GLU A 136 0.39 -8.06 2.03
N PRO A 137 1.46 -8.73 2.50
CA PRO A 137 1.45 -9.07 3.92
C PRO A 137 1.68 -7.81 4.87
N ALA A 138 2.30 -6.79 4.36
CA ALA A 138 2.51 -5.57 5.10
C ALA A 138 1.24 -4.74 5.03
N PHE A 139 1.23 -3.59 5.69
CA PHE A 139 0.24 -2.56 5.35
C PHE A 139 0.44 -2.18 3.85
N THR A 140 -0.61 -1.70 3.22
CA THR A 140 -0.45 -1.17 1.86
C THR A 140 -0.69 0.32 1.86
N SER A 141 0.34 1.08 1.55
CA SER A 141 0.21 2.55 1.43
C SER A 141 0.19 2.91 -0.05
N THR A 142 -0.79 3.68 -0.40
CA THR A 142 -0.99 4.23 -1.72
C THR A 142 -1.18 5.76 -1.62
N SER A 143 -1.09 6.40 -2.78
CA SER A 143 -1.37 7.86 -2.85
C SER A 143 -2.40 8.04 -3.93
N THR A 144 -3.27 9.02 -3.81
CA THR A 144 -4.15 9.36 -4.93
C THR A 144 -3.39 10.07 -6.09
N LEU A 145 -2.12 10.45 -5.88
CA LEU A 145 -1.26 11.28 -6.79
C LEU A 145 -0.16 10.40 -7.33
N PRO A 146 -0.18 10.14 -8.63
CA PRO A 146 0.87 9.29 -9.18
C PRO A 146 2.24 9.86 -9.03
N GLU A 147 2.36 11.17 -9.00
CA GLU A 147 3.64 11.85 -8.76
C GLU A 147 4.27 11.43 -7.43
N VAL A 148 3.42 11.35 -6.41
CA VAL A 148 3.86 10.98 -5.08
C VAL A 148 4.22 9.52 -5.11
N ALA A 149 3.40 8.63 -5.66
CA ALA A 149 3.73 7.19 -5.76
C ALA A 149 5.06 6.89 -6.38
N LYS A 150 5.36 7.61 -7.46
CA LYS A 150 6.60 7.33 -8.21
C LYS A 150 7.83 7.65 -7.37
N ARG A 151 7.71 8.56 -6.41
CA ARG A 151 8.84 8.95 -5.52
C ARG A 151 9.41 7.81 -4.72
N PHE A 152 8.55 6.84 -4.37
CA PHE A 152 8.93 5.83 -3.38
C PHE A 152 9.52 4.61 -4.03
N SER A 153 9.59 4.60 -5.36
CA SER A 153 10.25 3.48 -6.08
C SER A 153 11.38 3.94 -7.01
N VAL A 154 11.98 5.09 -6.73
CA VAL A 154 13.11 5.57 -7.56
C VAL A 154 14.39 4.72 -7.48
N VAL A 155 14.77 4.35 -6.26
CA VAL A 155 16.04 3.70 -6.02
C VAL A 155 15.90 2.17 -6.01
N HIS A 156 16.76 1.51 -6.75
CA HIS A 156 16.69 0.06 -6.82
C HIS A 156 17.17 -0.54 -5.50
N PRO A 157 16.38 -1.40 -4.84
CA PRO A 157 16.97 -1.91 -3.57
C PRO A 157 18.13 -2.88 -3.84
N ASN A 158 19.00 -3.11 -2.87
CA ASN A 158 20.02 -4.17 -3.01
C ASN A 158 19.37 -5.44 -2.52
N SER A 159 19.45 -6.52 -3.29
CA SER A 159 18.97 -7.80 -2.78
C SER A 159 19.60 -8.95 -3.54
N PRO A 160 19.71 -10.10 -2.88
CA PRO A 160 20.02 -11.37 -3.50
C PRO A 160 19.09 -11.64 -4.71
N GLN A 161 17.84 -11.19 -4.57
CA GLN A 161 16.76 -11.39 -5.55
C GLN A 161 16.79 -10.40 -6.73
N ARG A 162 16.46 -10.88 -7.92
CA ARG A 162 16.30 -10.02 -9.09
C ARG A 162 14.89 -9.39 -8.94
N LEU A 163 14.83 -8.08 -8.65
CA LEU A 163 13.58 -7.33 -8.46
C LEU A 163 13.34 -6.45 -9.65
N LYS A 164 12.08 -6.12 -9.92
CA LYS A 164 11.74 -5.17 -10.92
C LYS A 164 10.73 -4.20 -10.35
N ARG A 165 10.83 -2.99 -10.84
CA ARG A 165 9.94 -1.91 -10.40
C ARG A 165 8.56 -2.18 -10.95
N VAL A 166 7.56 -2.06 -10.07
CA VAL A 166 6.18 -2.20 -10.41
C VAL A 166 5.42 -0.92 -10.05
N LEU A 167 4.66 -0.39 -10.99
CA LEU A 167 3.78 0.77 -10.68
C LEU A 167 2.34 0.27 -10.79
N PHE A 168 1.67 0.23 -9.64
CA PHE A 168 0.26 -0.16 -9.56
C PHE A 168 -0.71 0.98 -9.74
N GLU A 169 -1.72 0.74 -10.57
CA GLU A 169 -2.92 1.58 -10.59
C GLU A 169 -4.00 0.79 -9.89
N VAL A 170 -4.47 1.29 -8.75
CA VAL A 170 -5.35 0.56 -7.87
C VAL A 170 -6.78 1.14 -7.89
N LYS A 171 -7.75 0.32 -8.28
CA LYS A 171 -9.16 0.67 -8.17
C LYS A 171 -9.64 0.18 -6.82
N ILE A 172 -10.00 1.14 -6.00
CA ILE A 172 -10.37 0.89 -4.61
C ILE A 172 -11.87 1.02 -4.43
N ASN A 173 -12.48 -0.12 -4.03
CA ASN A 173 -13.89 -0.15 -3.73
C ASN A 173 -14.19 -0.71 -2.34
N GLN A 174 -13.13 -0.86 -1.54
CA GLN A 174 -13.16 -1.38 -0.17
C GLN A 174 -11.75 -1.34 0.40
N GLY A 175 -11.68 -1.42 1.73
CA GLY A 175 -10.40 -1.62 2.46
C GLY A 175 -9.55 -0.38 2.67
N GLY A 176 -9.68 0.61 1.81
CA GLY A 176 -8.78 1.81 1.85
C GLY A 176 -9.35 2.92 2.73
N HIS A 177 -8.53 3.46 3.63
CA HIS A 177 -8.90 4.60 4.50
C HIS A 177 -7.87 5.69 4.30
N THR A 178 -8.34 6.92 4.16
CA THR A 178 -7.45 8.04 4.10
C THR A 178 -6.81 8.34 5.48
N ILE A 179 -5.51 8.53 5.51
CA ILE A 179 -4.79 8.92 6.75
C ILE A 179 -4.24 10.32 6.56
N ALA A 180 -4.66 10.97 5.46
CA ALA A 180 -4.13 12.30 5.08
C ALA A 180 -4.64 13.36 6.04
N GLY A 181 -5.83 13.15 6.61
CA GLY A 181 -6.35 14.03 7.69
C GLY A 181 -5.50 14.15 8.95
N LEU A 182 -4.75 13.10 9.27
CA LEU A 182 -3.91 13.05 10.46
C LEU A 182 -2.45 13.30 10.19
N SER A 183 -2.05 13.58 8.95
CA SER A 183 -0.62 13.78 8.66
C SER A 183 -0.27 15.24 8.29
N SER A 186 1.86 16.88 5.73
CA SER A 186 2.15 15.90 4.68
C SER A 186 1.42 16.29 3.40
N LYS A 187 2.11 16.18 2.27
CA LYS A 187 1.53 16.41 0.96
C LYS A 187 1.46 15.10 0.17
N GLU A 188 1.19 13.99 0.87
CA GLU A 188 1.29 12.65 0.27
C GLU A 188 -0.04 12.04 -0.24
N ALA A 189 -1.17 12.65 0.12
CA ALA A 189 -2.54 12.18 -0.23
C ALA A 189 -2.66 10.65 -0.04
N GLU A 190 -2.32 10.25 1.17
CA GLU A 190 -2.09 8.85 1.48
C GLU A 190 -3.34 8.08 1.90
N VAL A 191 -3.55 6.94 1.21
CA VAL A 191 -4.65 6.02 1.54
C VAL A 191 -4.03 4.67 1.89
N LEU A 192 -4.39 4.14 3.08
CA LEU A 192 -3.79 3.02 3.69
C LEU A 192 -4.75 1.83 3.84
N PHE A 193 -4.21 0.65 3.62
CA PHE A 193 -4.87 -0.63 3.90
C PHE A 193 -4.18 -1.34 5.04
N ALA A 194 -4.99 -2.04 5.85
CA ALA A 194 -4.54 -2.94 6.86
C ALA A 194 -3.76 -4.08 6.19
N PRO A 195 -2.96 -4.81 6.97
CA PRO A 195 -2.18 -5.93 6.42
C PRO A 195 -3.05 -6.95 5.71
N ASN A 196 -2.43 -7.71 4.82
CA ASN A 196 -3.10 -8.72 4.08
C ASN A 196 -4.15 -8.35 3.12
N ALA A 197 -4.05 -7.13 2.58
CA ALA A 197 -4.94 -6.71 1.58
C ALA A 197 -4.80 -7.55 0.27
N HIS A 198 -5.91 -7.86 -0.38
CA HIS A 198 -5.91 -8.66 -1.61
C HIS A 198 -6.30 -7.78 -2.79
N PHE A 199 -5.57 -7.95 -3.88
CA PHE A 199 -5.74 -7.14 -5.08
C PHE A 199 -5.84 -8.05 -6.28
N ARG A 200 -6.94 -7.96 -7.00
CA ARG A 200 -7.10 -8.74 -8.24
C ARG A 200 -6.57 -7.97 -9.47
N ILE A 201 -5.75 -8.66 -10.23
CA ILE A 201 -5.10 -8.05 -11.40
C ILE A 201 -6.13 -7.90 -12.53
N THR A 202 -6.21 -6.69 -13.08
CA THR A 202 -7.12 -6.43 -14.18
C THR A 202 -6.40 -6.17 -15.48
N GLN A 203 -5.13 -5.78 -15.43
CA GLN A 203 -4.33 -5.49 -16.60
C GLN A 203 -2.84 -5.48 -16.25
N ILE A 204 -1.99 -5.97 -17.16
CA ILE A 204 -0.54 -5.92 -16.96
C ILE A 204 0.10 -5.39 -18.22
N GLU A 205 1.00 -4.44 -18.06
CA GLU A 205 1.84 -4.06 -19.17
C GLU A 205 3.32 -4.14 -18.77
N ARG A 206 4.07 -4.96 -19.47
CA ARG A 206 5.46 -5.20 -19.14
C ARG A 206 6.39 -4.40 -20.08
N THR A 207 7.37 -3.72 -19.51
CA THR A 207 8.40 -3.04 -20.30
C THR A 207 9.76 -3.34 -19.68
N SER A 208 10.79 -2.78 -20.27
CA SER A 208 12.09 -2.84 -19.61
C SER A 208 12.14 -1.81 -18.46
N ASN A 209 12.54 -2.30 -17.31
CA ASN A 209 12.68 -1.47 -16.12
C ASN A 209 11.41 -1.07 -15.37
N HIS A 210 10.21 -1.23 -15.98
CA HIS A 210 8.92 -0.85 -15.34
C HIS A 210 7.80 -1.82 -15.79
N THR A 211 7.11 -2.46 -14.85
CA THR A 211 5.91 -3.20 -15.17
C THR A 211 4.76 -2.42 -14.56
N TYR A 212 3.68 -2.21 -15.30
CA TYR A 212 2.50 -1.52 -14.83
C TYR A 212 1.45 -2.58 -14.61
N ILE A 213 0.77 -2.49 -13.46
CA ILE A 213 -0.23 -3.47 -13.10
C ILE A 213 -1.43 -2.73 -12.59
N GLY A 214 -2.53 -2.96 -13.29
CA GLY A 214 -3.85 -2.52 -12.85
C GLY A 214 -4.45 -3.56 -11.92
N VAL A 215 -4.93 -3.15 -10.74
CA VAL A 215 -5.51 -4.11 -9.80
C VAL A 215 -6.78 -3.51 -9.19
N GLU A 216 -7.68 -4.37 -8.74
CA GLU A 216 -8.88 -3.95 -8.00
CA GLU A 216 -8.87 -3.93 -8.01
C GLU A 216 -8.87 -4.60 -6.64
N THR A 217 -9.25 -3.85 -5.60
CA THR A 217 -9.42 -4.37 -4.26
C THR A 217 -10.49 -5.48 -4.28
N VAL A 218 -10.19 -6.59 -3.66
CA VAL A 218 -11.18 -7.66 -3.42
C VAL A 218 -11.11 -8.13 -1.97
N LYS A 219 -12.24 -8.59 -1.47
CA LYS A 219 -12.37 -9.29 -0.19
C LYS A 219 -11.74 -10.68 -0.26
N ALA A 220 -10.84 -11.02 0.67
CA ALA A 220 -10.20 -12.33 0.72
C ALA A 220 -11.20 -13.47 0.68
N SER A 221 -12.26 -13.35 1.47
CA SER A 221 -13.24 -14.44 1.50
C SER A 221 -14.03 -14.61 0.19
N ALA A 222 -14.01 -13.63 -0.72
CA ALA A 222 -14.73 -13.72 -2.00
C ALA A 222 -13.84 -14.25 -3.12
N VAL A 223 -12.58 -14.55 -2.82
CA VAL A 223 -11.65 -14.98 -3.84
C VAL A 223 -11.81 -16.49 -3.95
N LYS A 224 -12.15 -16.90 -5.15
CA LYS A 224 -12.48 -18.25 -5.46
C LYS A 224 -11.91 -18.66 -6.82
N ASN A 225 -11.34 -19.86 -6.85
CA ASN A 225 -10.95 -20.52 -8.14
C ASN A 225 -9.95 -19.74 -8.97
N THR A 226 -9.07 -19.02 -8.26
CA THR A 226 -8.00 -18.28 -8.94
C THR A 226 -6.73 -18.58 -8.16
N GLN A 227 -5.64 -17.97 -8.56
CA GLN A 227 -4.39 -18.19 -7.92
C GLN A 227 -4.07 -16.94 -7.13
N LYS A 228 -3.70 -17.12 -5.85
CA LYS A 228 -3.21 -16.00 -5.02
C LYS A 228 -1.72 -16.15 -4.78
N TYR A 229 -1.01 -15.04 -4.78
CA TYR A 229 0.40 -15.00 -4.56
C TYR A 229 0.69 -13.95 -3.47
N ASN A 230 1.66 -14.26 -2.63
CA ASN A 230 2.21 -13.28 -1.68
C ASN A 230 3.15 -12.36 -2.43
N LEU A 231 2.82 -11.07 -2.40
CA LEU A 231 3.49 -10.08 -3.23
C LEU A 231 4.94 -9.85 -2.87
N TYR A 232 5.24 -10.10 -1.62
CA TYR A 232 6.59 -9.98 -1.09
C TYR A 232 7.44 -11.22 -1.36
N SER A 233 7.02 -12.39 -0.90
CA SER A 233 7.83 -13.61 -1.00
C SER A 233 7.73 -14.26 -2.36
N GLY A 234 6.66 -13.97 -3.09
CA GLY A 234 6.42 -14.60 -4.38
C GLY A 234 5.76 -15.96 -4.22
N GLU A 235 5.56 -16.46 -2.98
CA GLU A 235 4.96 -17.79 -2.79
C GLU A 235 3.43 -17.79 -3.06
N GLU A 236 2.92 -18.92 -3.51
CA GLU A 236 1.49 -19.11 -3.59
C GLU A 236 0.90 -19.07 -2.21
N VAL A 237 -0.27 -18.49 -2.11
CA VAL A 237 -1.05 -18.49 -0.90
C VAL A 237 -2.17 -19.51 -1.12
N GLU A 238 -2.40 -20.32 -0.09
CA GLU A 238 -3.37 -21.44 -0.17
C GLU A 238 -4.77 -20.93 -0.46
N ALA A 239 -5.50 -21.65 -1.32
CA ALA A 239 -6.86 -21.23 -1.77
C ALA A 239 -7.82 -21.11 -0.58
N AG2 B . 4.13 7.22 3.85
CA AG2 B . 5.17 6.37 3.34
CB AG2 B . 4.74 5.03 2.85
CG AG2 B . 5.86 4.43 1.93
CD AG2 B . 5.19 3.67 0.83
NE AG2 B . 6.18 2.83 0.13
CZ AG2 B . 6.12 2.59 -1.15
NH1 AG2 B . 7.01 1.81 -1.74
NH2 AG2 B . 5.17 3.14 -1.89
#